data_1CHK
#
_entry.id   1CHK
#
_cell.length_a   56.300
_cell.length_b   59.300
_cell.length_c   85.400
_cell.angle_alpha   90.00
_cell.angle_beta   96.20
_cell.angle_gamma   90.00
#
_symmetry.space_group_name_H-M   'P 1 21 1'
#
loop_
_entity.id
_entity.type
_entity.pdbx_description
1 polymer CHITOSANASE
2 water water
#
_entity_poly.entity_id   1
_entity_poly.type   'polypeptide(L)'
_entity_poly.pdbx_seq_one_letter_code
;AGAGLDDPHKKEIAMELVSSAENSSLDWKAQYKYIEDIGDGRGYTGGIIGFCSGTGDMLELVQHYTDLEPGNILAKYLPA
LKKVNGSASHSGLGTPFTKDWATAAKDTVFQQAQNDERDRVYFDPAVSQAKADGLRALGQFAYYDAIVMHGPGNDPTSFG
GIRKTAMKKARTPAQGGDETTYLNGFLDARKAAMLTEAAHDDTSRVDTEQRVFLKAGNLDLNPPLKWKTYGDPYVINS
;
_entity_poly.pdbx_strand_id   A,B
#
# COMPACT_ATOMS: atom_id res chain seq x y z
N ALA A 1 16.13 -10.96 -28.72
CA ALA A 1 14.76 -11.32 -29.04
C ALA A 1 14.04 -10.02 -28.67
N GLY A 2 12.83 -10.00 -28.10
CA GLY A 2 12.21 -8.78 -27.63
C GLY A 2 12.52 -8.60 -26.15
N ALA A 3 11.50 -8.28 -25.34
CA ALA A 3 11.70 -8.07 -23.90
C ALA A 3 11.89 -9.34 -23.07
N GLY A 4 11.52 -10.48 -23.67
CA GLY A 4 11.69 -11.80 -23.07
C GLY A 4 11.01 -11.83 -21.72
N LEU A 5 11.77 -12.27 -20.72
CA LEU A 5 11.27 -12.36 -19.35
C LEU A 5 11.09 -10.98 -18.64
N ASP A 6 11.78 -9.94 -19.12
CA ASP A 6 11.56 -8.58 -18.64
C ASP A 6 10.16 -8.08 -18.99
N ASP A 7 9.40 -8.75 -19.85
CA ASP A 7 8.06 -8.29 -20.19
C ASP A 7 7.24 -8.28 -18.90
N PRO A 8 6.52 -7.24 -18.46
CA PRO A 8 5.70 -7.28 -17.25
C PRO A 8 4.89 -8.56 -17.05
N HIS A 9 4.20 -9.10 -18.06
CA HIS A 9 3.36 -10.26 -17.84
C HIS A 9 4.14 -11.55 -17.70
N LYS A 10 5.26 -11.61 -18.42
CA LYS A 10 6.08 -12.80 -18.44
C LYS A 10 6.95 -12.81 -17.19
N LYS A 11 7.31 -11.63 -16.71
CA LYS A 11 8.05 -11.45 -15.46
C LYS A 11 7.20 -11.96 -14.30
N GLU A 12 5.89 -11.73 -14.32
CA GLU A 12 4.99 -12.26 -13.30
C GLU A 12 4.84 -13.78 -13.38
N ILE A 13 4.77 -14.37 -14.56
CA ILE A 13 4.74 -15.82 -14.71
C ILE A 13 5.99 -16.43 -14.04
N ALA A 14 7.13 -15.84 -14.40
CA ALA A 14 8.39 -16.22 -13.82
C ALA A 14 8.32 -16.20 -12.28
N MET A 15 7.70 -15.13 -11.71
CA MET A 15 7.56 -15.06 -10.24
C MET A 15 6.62 -16.14 -9.66
N GLU A 16 5.58 -16.54 -10.36
CA GLU A 16 4.75 -17.62 -9.85
C GLU A 16 5.49 -18.94 -9.96
N LEU A 17 6.19 -19.24 -11.08
CA LEU A 17 6.99 -20.44 -11.31
C LEU A 17 8.02 -20.65 -10.22
N VAL A 18 8.79 -19.63 -9.83
CA VAL A 18 9.72 -19.81 -8.72
C VAL A 18 8.96 -20.15 -7.42
N SER A 19 7.87 -19.40 -7.14
CA SER A 19 7.07 -19.58 -5.95
C SER A 19 6.45 -20.95 -5.94
N SER A 20 6.05 -21.59 -7.03
CA SER A 20 5.51 -22.92 -6.98
C SER A 20 6.53 -23.92 -6.42
N ALA A 21 7.85 -23.66 -6.55
CA ALA A 21 8.89 -24.57 -6.06
C ALA A 21 9.35 -24.17 -4.68
N GLU A 22 9.42 -22.85 -4.47
CA GLU A 22 9.85 -22.29 -3.19
C GLU A 22 8.78 -22.46 -2.12
N ASN A 23 7.53 -22.19 -2.48
CA ASN A 23 6.47 -22.15 -1.47
C ASN A 23 5.32 -23.04 -1.79
N SER A 24 5.38 -23.88 -2.82
CA SER A 24 4.24 -24.67 -3.18
C SER A 24 2.94 -23.86 -3.35
N SER A 25 3.05 -22.64 -3.87
CA SER A 25 1.91 -21.76 -4.08
C SER A 25 2.22 -20.85 -5.21
N LEU A 26 1.28 -20.43 -6.04
CA LEU A 26 1.62 -19.39 -7.01
C LEU A 26 1.61 -17.99 -6.38
N ASP A 27 1.09 -17.89 -5.15
CA ASP A 27 1.04 -16.64 -4.38
C ASP A 27 2.36 -16.17 -3.75
N TRP A 28 3.30 -15.70 -4.58
CA TRP A 28 4.58 -15.24 -4.09
C TRP A 28 4.58 -14.03 -3.16
N LYS A 29 3.63 -13.12 -3.35
CA LYS A 29 3.59 -11.89 -2.59
C LYS A 29 3.17 -12.17 -1.16
N ALA A 30 2.69 -13.37 -0.86
CA ALA A 30 2.37 -13.74 0.50
C ALA A 30 3.66 -13.78 1.35
N GLN A 31 4.87 -13.62 0.85
CA GLN A 31 6.06 -13.85 1.65
C GLN A 31 6.73 -12.58 2.04
N TYR A 32 6.21 -11.41 1.63
CA TYR A 32 6.73 -10.12 2.09
C TYR A 32 6.77 -10.04 3.61
N LYS A 33 5.81 -10.66 4.31
CA LYS A 33 5.73 -10.50 5.76
C LYS A 33 6.44 -11.58 6.54
N TYR A 34 7.15 -12.46 5.84
CA TYR A 34 7.77 -13.60 6.45
C TYR A 34 9.05 -13.15 7.11
N ILE A 35 9.36 -13.70 8.27
CA ILE A 35 10.64 -13.46 8.92
C ILE A 35 10.74 -14.45 10.08
N GLU A 36 11.86 -15.16 10.12
CA GLU A 36 12.15 -16.01 11.24
C GLU A 36 13.60 -16.41 11.18
N ASP A 37 14.11 -16.74 12.37
CA ASP A 37 15.48 -17.22 12.48
C ASP A 37 15.19 -18.71 12.41
N ILE A 38 15.68 -19.30 11.35
CA ILE A 38 15.49 -20.71 11.08
C ILE A 38 16.51 -21.58 11.81
N GLY A 39 17.48 -21.03 12.55
CA GLY A 39 18.46 -21.85 13.27
C GLY A 39 19.72 -22.15 12.46
N ASP A 40 19.78 -21.80 11.19
CA ASP A 40 20.92 -22.12 10.34
C ASP A 40 22.10 -21.19 10.45
N GLY A 41 22.18 -20.28 11.41
CA GLY A 41 23.38 -19.42 11.51
C GLY A 41 23.41 -18.13 10.72
N ARG A 42 22.41 -17.93 9.85
CA ARG A 42 22.21 -16.70 9.08
C ARG A 42 21.49 -15.54 9.83
N GLY A 43 21.02 -15.76 11.06
CA GLY A 43 20.19 -14.80 11.77
C GLY A 43 18.76 -14.95 11.23
N TYR A 44 18.13 -13.77 11.16
CA TYR A 44 16.79 -13.57 10.64
C TYR A 44 16.77 -13.62 9.12
N THR A 45 15.94 -14.56 8.63
CA THR A 45 15.68 -14.65 7.19
C THR A 45 14.27 -14.18 6.98
N GLY A 46 14.07 -13.21 6.08
CA GLY A 46 12.72 -12.80 5.71
C GLY A 46 12.51 -12.22 4.31
N GLY A 47 11.24 -11.88 4.01
CA GLY A 47 10.91 -11.21 2.76
C GLY A 47 10.78 -12.20 1.62
N ILE A 48 10.61 -11.66 0.41
CA ILE A 48 10.33 -12.49 -0.73
C ILE A 48 11.46 -13.34 -1.28
N ILE A 49 12.75 -13.06 -1.15
CA ILE A 49 13.75 -14.04 -1.59
C ILE A 49 14.71 -14.38 -0.45
N GLY A 50 14.25 -14.49 0.79
CA GLY A 50 15.09 -14.78 1.93
C GLY A 50 16.19 -13.78 2.30
N PHE A 51 15.98 -12.47 2.46
CA PHE A 51 17.05 -11.57 2.91
C PHE A 51 17.45 -11.94 4.33
N CYS A 52 18.71 -11.78 4.75
CA CYS A 52 19.15 -12.19 6.10
C CYS A 52 19.93 -11.17 6.91
N SER A 53 19.75 -11.18 8.23
CA SER A 53 20.48 -10.24 9.09
C SER A 53 21.99 -10.54 9.11
N GLY A 54 22.37 -11.80 8.92
CA GLY A 54 23.77 -12.18 8.94
C GLY A 54 24.54 -11.77 7.70
N THR A 55 23.90 -11.94 6.55
CA THR A 55 24.44 -11.70 5.21
C THR A 55 24.79 -10.29 4.76
N GLY A 56 24.24 -9.21 5.30
CA GLY A 56 24.51 -7.88 4.73
C GLY A 56 23.38 -7.43 3.84
N ASP A 57 22.52 -8.30 3.33
CA ASP A 57 21.46 -7.91 2.39
C ASP A 57 20.16 -7.39 3.02
N MET A 58 19.71 -7.87 4.18
CA MET A 58 18.64 -7.24 4.94
C MET A 58 19.04 -5.79 5.32
N LEU A 59 20.29 -5.53 5.70
CA LEU A 59 20.71 -4.19 6.01
C LEU A 59 20.60 -3.39 4.73
N GLU A 60 21.01 -3.88 3.54
CA GLU A 60 20.89 -3.12 2.28
C GLU A 60 19.46 -2.82 1.88
N LEU A 61 18.62 -3.83 2.11
CA LEU A 61 17.19 -3.78 1.92
C LEU A 61 16.63 -2.59 2.70
N VAL A 62 16.85 -2.52 4.03
CA VAL A 62 16.12 -1.47 4.70
C VAL A 62 16.86 -0.15 4.55
N GLN A 63 18.12 -0.14 4.11
CA GLN A 63 18.73 1.11 3.73
C GLN A 63 18.01 1.66 2.48
N HIS A 64 17.63 0.76 1.57
CA HIS A 64 16.95 1.08 0.34
C HIS A 64 15.57 1.67 0.72
N TYR A 65 14.85 0.93 1.57
CA TYR A 65 13.58 1.36 2.14
C TYR A 65 13.70 2.71 2.82
N THR A 66 14.72 3.00 3.60
CA THR A 66 14.88 4.30 4.25
C THR A 66 15.18 5.37 3.17
N ASP A 67 15.85 5.09 2.04
CA ASP A 67 16.02 6.11 1.02
C ASP A 67 14.66 6.45 0.35
N LEU A 68 13.79 5.45 0.27
CA LEU A 68 12.52 5.59 -0.39
C LEU A 68 11.50 6.28 0.50
N GLU A 69 11.53 5.93 1.79
CA GLU A 69 10.59 6.39 2.78
C GLU A 69 11.35 6.70 4.07
N PRO A 70 11.86 7.92 4.23
CA PRO A 70 12.76 8.22 5.35
C PRO A 70 12.22 7.88 6.73
N GLY A 71 11.00 8.25 7.11
CA GLY A 71 10.45 7.91 8.42
C GLY A 71 9.74 6.56 8.48
N ASN A 72 10.19 5.52 7.75
CA ASN A 72 9.49 4.26 7.84
C ASN A 72 9.74 3.60 9.17
N ILE A 73 8.99 2.61 9.70
CA ILE A 73 9.23 2.08 11.07
C ILE A 73 10.40 1.12 11.26
N LEU A 74 11.19 0.89 10.21
CA LEU A 74 12.36 0.01 10.32
C LEU A 74 13.66 0.79 10.39
N ALA A 75 13.65 2.10 10.10
CA ALA A 75 14.90 2.78 10.05
C ALA A 75 15.56 2.88 11.42
N LYS A 76 14.80 2.85 12.53
CA LYS A 76 15.39 2.86 13.86
C LYS A 76 16.36 1.68 14.04
N TYR A 77 16.12 0.56 13.39
CA TYR A 77 16.96 -0.57 13.53
C TYR A 77 18.21 -0.47 12.67
N LEU A 78 18.53 0.60 11.93
CA LEU A 78 19.74 0.56 11.14
C LEU A 78 21.01 0.37 11.96
N PRO A 79 21.26 1.02 13.13
CA PRO A 79 22.47 0.76 13.92
C PRO A 79 22.62 -0.70 14.30
N ALA A 80 21.49 -1.26 14.67
CA ALA A 80 21.43 -2.64 15.11
C ALA A 80 21.72 -3.61 13.96
N LEU A 81 21.10 -3.43 12.79
CA LEU A 81 21.39 -4.21 11.60
C LEU A 81 22.89 -4.08 11.29
N LYS A 82 23.48 -2.90 11.41
CA LYS A 82 24.89 -2.72 11.18
C LYS A 82 25.78 -3.45 12.21
N LYS A 83 25.52 -3.43 13.52
CA LYS A 83 26.32 -4.16 14.46
C LYS A 83 26.24 -5.65 14.16
N VAL A 84 25.04 -6.18 13.97
CA VAL A 84 24.79 -7.61 13.83
C VAL A 84 25.31 -8.29 12.56
N ASN A 85 25.67 -7.47 11.56
CA ASN A 85 25.97 -8.00 10.25
C ASN A 85 27.23 -8.83 10.29
N GLY A 86 27.14 -10.03 9.76
CA GLY A 86 28.26 -10.91 9.80
C GLY A 86 28.09 -11.83 10.99
N SER A 87 26.98 -11.82 11.75
CA SER A 87 26.85 -12.77 12.83
C SER A 87 25.41 -13.19 12.91
N ALA A 88 25.01 -14.18 13.69
CA ALA A 88 23.61 -14.54 13.90
C ALA A 88 22.94 -13.90 15.17
N SER A 89 23.58 -12.84 15.70
CA SER A 89 23.12 -12.06 16.83
C SER A 89 21.71 -11.48 16.70
N HIS A 90 20.92 -11.40 17.77
CA HIS A 90 19.63 -10.70 17.73
C HIS A 90 19.75 -9.35 18.41
N SER A 91 20.96 -8.93 18.77
CA SER A 91 21.15 -7.73 19.54
C SER A 91 20.47 -6.47 19.00
N GLY A 92 19.47 -5.94 19.72
CA GLY A 92 18.83 -4.71 19.31
C GLY A 92 17.76 -4.95 18.26
N LEU A 93 17.37 -6.23 18.15
CA LEU A 93 16.42 -6.61 17.16
C LEU A 93 15.38 -7.45 17.88
N GLY A 94 15.39 -8.79 17.77
CA GLY A 94 14.46 -9.64 18.49
C GLY A 94 13.00 -9.39 18.19
N THR A 95 12.19 -9.53 19.23
CA THR A 95 10.75 -9.42 19.07
C THR A 95 10.18 -8.08 18.58
N PRO A 96 10.56 -6.85 18.96
CA PRO A 96 10.07 -5.64 18.33
C PRO A 96 10.36 -5.62 16.83
N PHE A 97 11.59 -6.03 16.39
CA PHE A 97 11.98 -6.10 14.97
C PHE A 97 11.01 -6.96 14.18
N THR A 98 10.73 -8.14 14.69
CA THR A 98 9.87 -9.08 14.03
C THR A 98 8.38 -8.68 14.00
N LYS A 99 7.92 -7.88 14.99
CA LYS A 99 6.56 -7.37 14.95
C LYS A 99 6.54 -6.23 13.92
N ASP A 100 7.58 -5.40 13.97
CA ASP A 100 7.78 -4.30 13.05
C ASP A 100 7.93 -4.66 11.59
N TRP A 101 8.65 -5.74 11.28
CA TRP A 101 8.85 -6.22 9.92
C TRP A 101 7.45 -6.52 9.38
N ALA A 102 6.66 -7.29 10.16
CA ALA A 102 5.36 -7.67 9.68
C ALA A 102 4.41 -6.46 9.56
N THR A 103 4.55 -5.41 10.33
CA THR A 103 3.69 -4.26 10.12
C THR A 103 4.16 -3.60 8.83
N ALA A 104 5.47 -3.48 8.63
CA ALA A 104 6.04 -2.80 7.46
C ALA A 104 5.61 -3.45 6.14
N ALA A 105 5.35 -4.76 6.14
CA ALA A 105 4.96 -5.53 4.98
C ALA A 105 3.61 -5.13 4.42
N LYS A 106 2.88 -4.31 5.18
CA LYS A 106 1.60 -3.81 4.74
C LYS A 106 1.84 -2.51 3.99
N ASP A 107 3.04 -1.94 4.07
CA ASP A 107 3.37 -0.71 3.36
C ASP A 107 3.80 -1.11 1.97
N THR A 108 3.19 -0.49 0.96
CA THR A 108 3.53 -0.85 -0.41
C THR A 108 4.93 -0.41 -0.75
N VAL A 109 5.46 0.62 -0.13
CA VAL A 109 6.84 1.00 -0.42
C VAL A 109 7.82 -0.04 0.18
N PHE A 110 7.47 -0.83 1.22
CA PHE A 110 8.42 -1.82 1.74
C PHE A 110 8.43 -2.98 0.74
N GLN A 111 7.21 -3.33 0.27
CA GLN A 111 6.99 -4.27 -0.82
C GLN A 111 7.78 -3.88 -2.05
N GLN A 112 7.70 -2.62 -2.51
CA GLN A 112 8.50 -2.13 -3.62
C GLN A 112 9.98 -2.24 -3.32
N ALA A 113 10.45 -1.97 -2.08
CA ALA A 113 11.89 -2.09 -1.75
C ALA A 113 12.37 -3.54 -1.84
N GLN A 114 11.57 -4.53 -1.42
CA GLN A 114 11.97 -5.92 -1.51
C GLN A 114 12.07 -6.37 -2.98
N ASN A 115 11.10 -5.94 -3.79
CA ASN A 115 11.09 -6.19 -5.23
C ASN A 115 12.31 -5.55 -5.88
N ASP A 116 12.65 -4.29 -5.50
CA ASP A 116 13.81 -3.61 -6.04
C ASP A 116 15.10 -4.36 -5.69
N GLU A 117 15.22 -4.92 -4.49
CA GLU A 117 16.39 -5.65 -4.16
C GLU A 117 16.47 -7.01 -4.85
N ARG A 118 15.32 -7.67 -5.00
CA ARG A 118 15.23 -8.91 -5.74
C ARG A 118 15.72 -8.68 -7.18
N ASP A 119 15.22 -7.66 -7.83
CA ASP A 119 15.66 -7.27 -9.14
C ASP A 119 17.11 -6.88 -9.31
N ARG A 120 17.61 -6.02 -8.41
CA ARG A 120 19.00 -5.55 -8.36
C ARG A 120 19.98 -6.74 -8.36
N VAL A 121 19.76 -7.74 -7.49
CA VAL A 121 20.74 -8.80 -7.27
C VAL A 121 20.47 -10.11 -8.02
N TYR A 122 19.21 -10.46 -8.26
CA TYR A 122 18.89 -11.73 -8.88
C TYR A 122 18.27 -11.67 -10.25
N PHE A 123 17.13 -10.98 -10.34
CA PHE A 123 16.41 -10.94 -11.61
C PHE A 123 17.17 -10.25 -12.76
N ASP A 124 17.59 -9.01 -12.59
CA ASP A 124 18.28 -8.36 -13.68
C ASP A 124 19.65 -8.97 -14.01
N PRO A 125 20.53 -9.46 -13.11
CA PRO A 125 21.73 -10.20 -13.51
C PRO A 125 21.47 -11.54 -14.20
N ALA A 126 20.49 -12.34 -13.79
CA ALA A 126 20.24 -13.61 -14.46
C ALA A 126 19.67 -13.36 -15.86
N VAL A 127 18.67 -12.49 -16.01
CA VAL A 127 18.07 -12.28 -17.29
C VAL A 127 19.10 -11.64 -18.22
N SER A 128 19.89 -10.67 -17.77
CA SER A 128 20.81 -10.02 -18.69
C SER A 128 21.90 -11.00 -19.10
N GLN A 129 22.41 -11.86 -18.19
CA GLN A 129 23.42 -12.83 -18.58
C GLN A 129 22.84 -13.84 -19.57
N ALA A 130 21.58 -14.24 -19.41
CA ALA A 130 20.90 -15.14 -20.33
C ALA A 130 20.79 -14.54 -21.74
N LYS A 131 20.39 -13.28 -21.90
CA LYS A 131 20.36 -12.60 -23.19
C LYS A 131 21.78 -12.43 -23.77
N ALA A 132 22.82 -12.28 -22.91
CA ALA A 132 24.21 -12.19 -23.37
C ALA A 132 24.59 -13.50 -24.03
N ASP A 133 24.00 -14.57 -23.55
CA ASP A 133 24.13 -15.91 -24.03
C ASP A 133 23.25 -16.20 -25.21
N GLY A 134 22.34 -15.34 -25.64
CA GLY A 134 21.50 -15.61 -26.81
C GLY A 134 20.34 -16.50 -26.51
N LEU A 135 19.93 -16.53 -25.25
CA LEU A 135 18.84 -17.34 -24.72
C LEU A 135 17.52 -16.57 -24.81
N ARG A 136 16.48 -17.31 -25.16
CA ARG A 136 15.13 -16.79 -25.16
C ARG A 136 14.52 -16.90 -23.75
N ALA A 137 13.20 -16.67 -23.55
CA ALA A 137 12.67 -16.56 -22.19
C ALA A 137 12.75 -17.82 -21.34
N LEU A 138 12.62 -19.03 -21.90
CA LEU A 138 12.78 -20.25 -21.10
C LEU A 138 14.21 -20.33 -20.59
N GLY A 139 15.21 -19.86 -21.33
CA GLY A 139 16.58 -19.88 -20.84
C GLY A 139 16.78 -18.86 -19.74
N GLN A 140 16.19 -17.70 -19.99
CA GLN A 140 16.22 -16.59 -19.05
C GLN A 140 15.60 -17.00 -17.74
N PHE A 141 14.48 -17.75 -17.80
CA PHE A 141 13.80 -18.21 -16.61
C PHE A 141 14.71 -19.19 -15.89
N ALA A 142 15.22 -20.21 -16.60
CA ALA A 142 16.13 -21.23 -16.05
C ALA A 142 17.36 -20.59 -15.35
N TYR A 143 17.88 -19.47 -15.88
CA TYR A 143 18.90 -18.74 -15.17
C TYR A 143 18.40 -18.15 -13.86
N TYR A 144 17.24 -17.46 -13.86
CA TYR A 144 16.66 -16.82 -12.71
C TYR A 144 16.39 -17.81 -11.61
N ASP A 145 15.65 -18.86 -11.92
CA ASP A 145 15.35 -19.93 -10.98
C ASP A 145 16.62 -20.49 -10.32
N ALA A 146 17.73 -20.51 -11.09
CA ALA A 146 18.96 -21.04 -10.55
C ALA A 146 19.65 -20.05 -9.65
N ILE A 147 19.63 -18.75 -9.92
CA ILE A 147 20.31 -17.77 -9.07
C ILE A 147 19.48 -17.57 -7.80
N VAL A 148 18.18 -17.75 -7.87
CA VAL A 148 17.31 -17.67 -6.71
C VAL A 148 17.71 -18.84 -5.81
N MET A 149 17.84 -20.09 -6.23
CA MET A 149 18.24 -21.13 -5.28
C MET A 149 19.73 -21.15 -4.96
N HIS A 150 20.62 -20.87 -5.88
CA HIS A 150 22.03 -21.12 -5.66
C HIS A 150 22.81 -19.86 -5.45
N GLY A 151 22.23 -18.73 -5.77
CA GLY A 151 22.88 -17.46 -5.45
C GLY A 151 23.98 -17.04 -6.42
N PRO A 152 24.30 -15.75 -6.43
CA PRO A 152 25.32 -15.21 -7.32
C PRO A 152 26.67 -15.73 -6.94
N GLY A 153 27.57 -15.66 -7.91
CA GLY A 153 28.94 -16.00 -7.68
C GLY A 153 29.38 -17.08 -8.61
N ASN A 154 30.70 -17.27 -8.61
CA ASN A 154 31.29 -18.27 -9.45
C ASN A 154 31.72 -19.53 -8.72
N ASP A 155 31.45 -19.72 -7.43
CA ASP A 155 31.83 -20.99 -6.82
C ASP A 155 31.02 -22.10 -7.46
N PRO A 156 31.38 -23.40 -7.47
CA PRO A 156 30.74 -24.44 -8.25
C PRO A 156 29.24 -24.65 -8.13
N THR A 157 28.70 -24.37 -6.93
CA THR A 157 27.27 -24.53 -6.68
C THR A 157 26.46 -23.27 -6.74
N SER A 158 27.10 -22.16 -7.04
CA SER A 158 26.37 -20.93 -7.21
C SER A 158 26.12 -20.82 -8.70
N PHE A 159 25.24 -19.90 -9.09
CA PHE A 159 24.90 -19.61 -10.47
C PHE A 159 26.09 -19.53 -11.44
N GLY A 160 27.03 -18.60 -11.36
CA GLY A 160 28.14 -18.56 -12.31
C GLY A 160 28.91 -19.89 -12.40
N GLY A 161 29.07 -20.64 -11.31
CA GLY A 161 29.71 -21.93 -11.34
C GLY A 161 28.85 -22.93 -12.08
N ILE A 162 27.51 -22.85 -12.04
CA ILE A 162 26.63 -23.76 -12.77
C ILE A 162 26.66 -23.41 -14.25
N ARG A 163 26.77 -22.13 -14.59
CA ARG A 163 26.81 -21.72 -15.98
C ARG A 163 28.17 -22.20 -16.49
N LYS A 164 29.26 -22.10 -15.71
CA LYS A 164 30.57 -22.54 -16.18
C LYS A 164 30.56 -24.03 -16.45
N THR A 165 29.93 -24.87 -15.65
CA THR A 165 29.85 -26.29 -15.96
C THR A 165 29.13 -26.51 -17.27
N ALA A 166 27.98 -25.84 -17.48
CA ALA A 166 27.20 -25.98 -18.69
C ALA A 166 27.96 -25.67 -19.99
N MET A 167 28.71 -24.60 -19.93
CA MET A 167 29.44 -24.10 -21.06
C MET A 167 30.70 -24.95 -21.35
N LYS A 168 31.09 -25.80 -20.42
CA LYS A 168 32.20 -26.70 -20.65
C LYS A 168 31.63 -27.85 -21.44
N LYS A 169 30.37 -28.19 -21.24
CA LYS A 169 29.70 -29.30 -21.93
C LYS A 169 29.15 -28.85 -23.28
N ALA A 170 28.66 -27.62 -23.40
CA ALA A 170 27.93 -27.21 -24.60
C ALA A 170 28.09 -25.73 -24.85
N ARG A 171 28.04 -25.39 -26.12
CA ARG A 171 28.14 -24.01 -26.49
C ARG A 171 26.75 -23.31 -26.49
N THR A 172 26.83 -22.11 -26.02
CA THR A 172 25.72 -21.17 -25.98
C THR A 172 25.19 -20.79 -27.38
N PRO A 173 23.89 -20.48 -27.64
CA PRO A 173 23.46 -19.74 -28.82
C PRO A 173 24.36 -18.55 -29.17
N ALA A 174 24.74 -17.68 -28.25
CA ALA A 174 25.62 -16.56 -28.54
C ALA A 174 26.95 -16.99 -29.10
N GLN A 175 27.38 -18.18 -28.71
CA GLN A 175 28.60 -18.77 -29.23
C GLN A 175 28.43 -19.58 -30.52
N GLY A 176 27.22 -19.89 -31.00
CA GLY A 176 27.09 -20.67 -32.21
C GLY A 176 26.47 -22.06 -31.94
N GLY A 177 26.18 -22.34 -30.65
CA GLY A 177 25.60 -23.60 -30.29
C GLY A 177 24.09 -23.57 -30.37
N ASP A 178 23.52 -24.75 -30.20
CA ASP A 178 22.11 -25.01 -30.26
C ASP A 178 21.48 -24.79 -28.89
N GLU A 179 20.42 -23.96 -28.81
CA GLU A 179 19.74 -23.62 -27.55
C GLU A 179 19.16 -24.77 -26.76
N THR A 180 18.45 -25.79 -27.29
CA THR A 180 17.89 -26.78 -26.39
C THR A 180 19.03 -27.70 -26.00
N THR A 181 20.07 -27.83 -26.84
CA THR A 181 21.25 -28.56 -26.43
C THR A 181 21.90 -27.78 -25.27
N TYR A 182 22.16 -26.49 -25.37
CA TYR A 182 22.76 -25.74 -24.25
C TYR A 182 21.85 -25.82 -23.03
N LEU A 183 20.53 -25.76 -23.18
CA LEU A 183 19.67 -25.82 -22.03
C LEU A 183 19.53 -27.19 -21.43
N ASN A 184 19.62 -28.30 -22.16
CA ASN A 184 19.64 -29.59 -21.44
C ASN A 184 20.88 -29.69 -20.59
N GLY A 185 21.96 -29.04 -21.09
CA GLY A 185 23.26 -29.03 -20.43
C GLY A 185 23.22 -28.22 -19.17
N PHE A 186 22.56 -27.06 -19.21
CA PHE A 186 22.39 -26.19 -18.06
C PHE A 186 21.58 -26.98 -17.08
N LEU A 187 20.48 -27.56 -17.55
CA LEU A 187 19.57 -28.18 -16.61
C LEU A 187 20.20 -29.33 -15.89
N ASP A 188 20.97 -30.11 -16.63
CA ASP A 188 21.77 -31.19 -16.09
C ASP A 188 22.76 -30.73 -15.00
N ALA A 189 23.44 -29.63 -15.28
CA ALA A 189 24.37 -29.05 -14.36
C ALA A 189 23.62 -28.53 -13.14
N ARG A 190 22.42 -27.94 -13.34
CA ARG A 190 21.64 -27.38 -12.24
C ARG A 190 21.22 -28.46 -11.24
N LYS A 191 20.69 -29.50 -11.85
CA LYS A 191 20.16 -30.66 -11.18
C LYS A 191 21.27 -31.33 -10.39
N ALA A 192 22.44 -31.44 -10.98
CA ALA A 192 23.59 -31.99 -10.31
C ALA A 192 23.89 -31.13 -9.07
N ALA A 193 23.96 -29.79 -9.20
CA ALA A 193 24.18 -28.86 -8.11
C ALA A 193 23.23 -29.01 -6.95
N MET A 194 21.97 -29.19 -7.30
CA MET A 194 20.92 -29.38 -6.34
C MET A 194 21.21 -30.64 -5.52
N LEU A 195 21.42 -31.82 -6.14
CA LEU A 195 21.63 -33.07 -5.41
C LEU A 195 22.91 -33.09 -4.55
N THR A 196 23.82 -32.19 -4.89
CA THR A 196 25.03 -31.95 -4.13
C THR A 196 24.72 -31.24 -2.81
N GLU A 197 23.74 -30.35 -2.75
CA GLU A 197 23.38 -29.70 -1.50
C GLU A 197 22.78 -30.64 -0.47
N ALA A 198 23.41 -30.51 0.71
CA ALA A 198 23.00 -31.27 1.89
C ALA A 198 21.56 -30.97 2.25
N ALA A 199 20.84 -31.98 2.71
CA ALA A 199 19.42 -31.85 3.06
C ALA A 199 18.48 -31.42 1.93
N HIS A 200 18.81 -31.81 0.70
CA HIS A 200 17.94 -31.56 -0.45
C HIS A 200 16.51 -32.11 -0.47
N ASP A 201 15.85 -31.29 -1.24
CA ASP A 201 14.51 -31.47 -1.75
C ASP A 201 14.54 -32.54 -2.84
N ASP A 202 13.46 -32.64 -3.63
CA ASP A 202 13.58 -33.44 -4.84
C ASP A 202 14.02 -32.42 -5.88
N THR A 203 13.97 -32.77 -7.16
CA THR A 203 14.45 -31.90 -8.20
C THR A 203 13.40 -31.66 -9.25
N SER A 204 12.13 -31.79 -8.84
CA SER A 204 11.00 -31.62 -9.76
C SER A 204 11.05 -30.30 -10.49
N ARG A 205 11.48 -29.16 -9.93
CA ARG A 205 11.47 -27.89 -10.62
C ARG A 205 12.23 -27.99 -11.95
N VAL A 206 13.18 -28.93 -12.00
CA VAL A 206 13.80 -29.25 -13.27
C VAL A 206 12.99 -30.40 -13.85
N ASP A 207 12.82 -31.53 -13.15
CA ASP A 207 12.22 -32.73 -13.76
C ASP A 207 10.82 -32.66 -14.29
N THR A 208 9.89 -32.04 -13.59
CA THR A 208 8.53 -31.92 -14.01
C THR A 208 8.07 -30.48 -14.21
N GLU A 209 8.99 -29.54 -14.42
CA GLU A 209 8.60 -28.16 -14.74
C GLU A 209 9.45 -27.68 -15.91
N GLN A 210 10.73 -27.32 -15.67
CA GLN A 210 11.61 -26.77 -16.67
C GLN A 210 11.90 -27.66 -17.88
N ARG A 211 12.22 -28.94 -17.64
CA ARG A 211 12.56 -29.92 -18.68
C ARG A 211 11.31 -30.19 -19.49
N VAL A 212 10.17 -30.22 -18.77
CA VAL A 212 8.87 -30.32 -19.44
C VAL A 212 8.72 -29.15 -20.42
N PHE A 213 9.00 -27.90 -20.05
CA PHE A 213 8.79 -26.82 -21.00
C PHE A 213 9.78 -26.96 -22.21
N LEU A 214 10.98 -27.46 -21.95
CA LEU A 214 12.01 -27.69 -22.96
C LEU A 214 11.63 -28.78 -23.95
N LYS A 215 11.07 -29.92 -23.52
CA LYS A 215 10.73 -30.98 -24.46
C LYS A 215 9.53 -30.68 -25.31
N ALA A 216 8.70 -29.78 -24.75
CA ALA A 216 7.58 -29.25 -25.52
C ALA A 216 8.03 -28.24 -26.56
N GLY A 217 9.30 -27.82 -26.59
CA GLY A 217 9.70 -26.79 -27.53
C GLY A 217 9.17 -25.43 -27.12
N ASN A 218 8.73 -25.22 -25.86
CA ASN A 218 8.26 -23.90 -25.40
C ASN A 218 9.43 -22.96 -25.03
N LEU A 219 10.30 -22.58 -25.97
CA LEU A 219 11.50 -21.82 -25.63
C LEU A 219 11.26 -20.35 -25.33
N ASP A 220 10.09 -19.86 -25.71
CA ASP A 220 9.66 -18.51 -25.36
C ASP A 220 8.75 -18.47 -24.12
N LEU A 221 8.45 -19.57 -23.42
CA LEU A 221 7.61 -19.50 -22.22
C LEU A 221 6.29 -18.72 -22.41
N ASN A 222 5.53 -19.24 -23.39
CA ASN A 222 4.23 -18.75 -23.75
C ASN A 222 3.21 -19.67 -23.11
N PRO A 223 2.17 -19.18 -22.41
CA PRO A 223 1.11 -19.99 -21.80
C PRO A 223 0.08 -20.54 -22.80
N PRO A 224 -0.63 -21.65 -22.55
CA PRO A 224 -0.70 -22.32 -21.25
C PRO A 224 0.53 -23.09 -20.76
N LEU A 225 0.75 -22.95 -19.49
CA LEU A 225 1.84 -23.62 -18.82
C LEU A 225 1.29 -24.66 -17.86
N LYS A 226 1.57 -25.96 -17.96
CA LYS A 226 1.10 -26.94 -16.96
C LYS A 226 2.31 -27.64 -16.39
N TRP A 227 2.44 -27.82 -15.09
CA TRP A 227 3.64 -28.44 -14.51
C TRP A 227 3.35 -28.96 -13.13
N LYS A 228 4.36 -29.57 -12.51
CA LYS A 228 4.31 -30.11 -11.19
C LYS A 228 5.56 -29.76 -10.42
N THR A 229 5.35 -29.45 -9.14
CA THR A 229 6.45 -29.42 -8.21
C THR A 229 5.91 -30.30 -7.09
N TYR A 230 6.73 -31.25 -6.67
CA TYR A 230 6.47 -32.16 -5.55
C TYR A 230 5.22 -33.03 -5.68
N GLY A 231 4.81 -33.33 -6.92
CA GLY A 231 3.62 -34.14 -7.15
C GLY A 231 2.36 -33.30 -7.31
N ASP A 232 2.44 -31.97 -7.20
CA ASP A 232 1.28 -31.11 -7.25
C ASP A 232 1.25 -30.33 -8.54
N PRO A 233 0.10 -30.32 -9.22
CA PRO A 233 -0.09 -29.59 -10.45
C PRO A 233 -0.39 -28.10 -10.31
N TYR A 234 0.10 -27.37 -11.30
CA TYR A 234 -0.06 -25.95 -11.41
C TYR A 234 -0.36 -25.64 -12.86
N VAL A 235 -1.20 -24.63 -13.10
CA VAL A 235 -1.54 -24.22 -14.45
C VAL A 235 -1.53 -22.71 -14.49
N ILE A 236 -0.82 -22.08 -15.41
CA ILE A 236 -1.03 -20.67 -15.63
C ILE A 236 -1.66 -20.70 -17.02
N ASN A 237 -2.94 -20.28 -17.08
CA ASN A 237 -3.65 -20.35 -18.34
C ASN A 237 -3.36 -19.29 -19.35
N SER A 238 -2.98 -18.10 -18.92
CA SER A 238 -2.62 -17.08 -19.87
C SER A 238 -1.85 -15.93 -19.23
N ALA B 1 -11.64 8.47 31.32
CA ALA B 1 -13.00 8.70 30.87
C ALA B 1 -12.96 8.19 29.43
N GLY B 2 -14.08 7.97 28.74
CA GLY B 2 -14.07 7.41 27.40
C GLY B 2 -13.28 8.18 26.35
N ALA B 3 -12.62 7.42 25.48
CA ALA B 3 -11.94 8.04 24.35
C ALA B 3 -12.89 8.65 23.30
N GLY B 4 -14.16 8.23 23.29
CA GLY B 4 -15.17 8.78 22.41
C GLY B 4 -14.84 8.49 20.96
N LEU B 5 -14.81 9.50 20.10
CA LEU B 5 -14.60 9.26 18.67
C LEU B 5 -13.13 9.05 18.39
N ASP B 6 -12.32 9.10 19.45
CA ASP B 6 -10.92 8.75 19.30
C ASP B 6 -10.71 7.27 19.42
N ASP B 7 -11.69 6.54 19.91
CA ASP B 7 -11.64 5.11 19.90
C ASP B 7 -11.51 4.71 18.42
N PRO B 8 -10.49 4.04 17.87
CA PRO B 8 -10.41 3.69 16.44
C PRO B 8 -11.67 3.07 15.82
N HIS B 9 -12.48 2.28 16.57
CA HIS B 9 -13.69 1.72 15.96
C HIS B 9 -14.78 2.76 15.83
N LYS B 10 -14.82 3.71 16.78
CA LYS B 10 -15.74 4.83 16.78
C LYS B 10 -15.29 5.80 15.69
N LYS B 11 -13.99 6.03 15.52
CA LYS B 11 -13.50 6.79 14.38
C LYS B 11 -13.97 6.15 13.06
N GLU B 12 -13.89 4.80 12.91
CA GLU B 12 -14.35 4.14 11.70
C GLU B 12 -15.83 4.41 11.40
N ILE B 13 -16.69 4.30 12.41
CA ILE B 13 -18.11 4.61 12.28
C ILE B 13 -18.29 6.05 11.81
N ALA B 14 -17.54 7.06 12.31
CA ALA B 14 -17.78 8.40 11.81
C ALA B 14 -17.40 8.60 10.33
N MET B 15 -16.34 7.99 9.86
CA MET B 15 -15.89 8.05 8.46
C MET B 15 -17.01 7.50 7.54
N GLU B 16 -17.67 6.45 7.97
CA GLU B 16 -18.80 5.84 7.28
C GLU B 16 -20.03 6.72 7.24
N LEU B 17 -20.28 7.35 8.39
CA LEU B 17 -21.42 8.20 8.60
C LEU B 17 -21.38 9.40 7.66
N VAL B 18 -20.16 9.96 7.57
CA VAL B 18 -19.92 11.11 6.69
C VAL B 18 -20.07 10.64 5.26
N SER B 19 -19.47 9.52 4.95
CA SER B 19 -19.50 8.97 3.62
C SER B 19 -20.91 8.56 3.18
N SER B 20 -21.86 8.22 4.06
CA SER B 20 -23.20 7.86 3.63
C SER B 20 -23.91 9.08 3.06
N ALA B 21 -23.52 10.24 3.62
CA ALA B 21 -24.03 11.56 3.26
C ALA B 21 -23.26 12.17 2.12
N GLU B 22 -21.93 11.96 2.03
CA GLU B 22 -21.17 12.55 0.95
C GLU B 22 -21.16 11.69 -0.27
N ASN B 23 -21.47 10.39 -0.23
CA ASN B 23 -21.23 9.55 -1.41
C ASN B 23 -22.21 8.40 -1.50
N SER B 24 -23.20 8.41 -0.62
CA SER B 24 -24.19 7.34 -0.49
C SER B 24 -23.53 5.99 -0.31
N SER B 25 -22.44 5.97 0.43
CA SER B 25 -21.79 4.71 0.61
C SER B 25 -21.09 4.75 1.94
N LEU B 26 -21.07 3.62 2.62
CA LEU B 26 -20.29 3.41 3.84
C LEU B 26 -18.82 3.23 3.46
N ASP B 27 -18.48 2.67 2.29
CA ASP B 27 -17.07 2.53 1.93
C ASP B 27 -16.28 3.84 1.68
N TRP B 28 -15.91 4.56 2.75
CA TRP B 28 -15.21 5.83 2.63
C TRP B 28 -13.85 5.69 1.95
N LYS B 29 -13.27 4.50 2.05
CA LYS B 29 -11.96 4.26 1.49
C LYS B 29 -11.91 4.23 -0.01
N ALA B 30 -13.00 3.93 -0.70
CA ALA B 30 -12.99 4.06 -2.12
C ALA B 30 -12.71 5.50 -2.49
N GLN B 31 -12.81 6.56 -1.64
CA GLN B 31 -12.59 7.90 -2.13
C GLN B 31 -11.14 8.36 -2.19
N TYR B 32 -10.17 7.54 -1.74
CA TYR B 32 -8.77 7.88 -1.93
C TYR B 32 -8.42 8.17 -3.37
N LYS B 33 -8.96 7.34 -4.28
CA LYS B 33 -8.69 7.46 -5.72
C LYS B 33 -9.48 8.50 -6.50
N TYR B 34 -10.51 9.10 -5.87
CA TYR B 34 -11.34 10.10 -6.52
C TYR B 34 -10.56 11.34 -6.83
N ILE B 35 -10.74 11.83 -8.05
CA ILE B 35 -10.23 13.12 -8.51
C ILE B 35 -11.19 13.56 -9.61
N GLU B 36 -11.67 14.82 -9.56
CA GLU B 36 -12.62 15.35 -10.54
C GLU B 36 -12.85 16.87 -10.44
N ASP B 37 -12.86 17.62 -11.56
CA ASP B 37 -13.29 19.01 -11.49
C ASP B 37 -14.82 18.99 -11.60
N ILE B 38 -15.44 19.39 -10.53
CA ILE B 38 -16.89 19.45 -10.37
C ILE B 38 -17.58 20.63 -11.06
N GLY B 39 -16.93 21.59 -11.71
CA GLY B 39 -17.60 22.75 -12.31
C GLY B 39 -17.98 23.80 -11.25
N ASP B 40 -17.40 23.73 -10.05
CA ASP B 40 -17.80 24.73 -9.01
C ASP B 40 -16.76 25.83 -8.80
N GLY B 41 -15.88 26.01 -9.76
CA GLY B 41 -14.90 27.09 -9.68
C GLY B 41 -13.67 26.73 -8.82
N ARG B 42 -13.44 25.52 -8.32
CA ARG B 42 -12.24 25.24 -7.53
C ARG B 42 -11.17 24.39 -8.19
N GLY B 43 -11.35 23.90 -9.43
CA GLY B 43 -10.35 23.09 -10.09
C GLY B 43 -10.61 21.64 -9.76
N TYR B 44 -9.60 20.80 -9.58
CA TYR B 44 -9.87 19.43 -9.22
C TYR B 44 -10.18 19.35 -7.73
N THR B 45 -11.04 18.42 -7.37
CA THR B 45 -11.40 18.08 -6.02
C THR B 45 -11.02 16.59 -5.90
N GLY B 46 -10.28 16.14 -4.91
CA GLY B 46 -9.95 14.74 -4.84
C GLY B 46 -9.67 14.23 -3.44
N GLY B 47 -9.57 12.91 -3.30
CA GLY B 47 -9.20 12.31 -2.03
C GLY B 47 -10.34 12.29 -1.04
N ILE B 48 -10.09 11.66 0.10
CA ILE B 48 -11.09 11.39 1.10
C ILE B 48 -11.87 12.57 1.70
N ILE B 49 -11.50 13.83 1.62
CA ILE B 49 -12.38 14.86 2.12
C ILE B 49 -12.38 15.92 1.02
N GLY B 50 -12.05 15.70 -0.28
CA GLY B 50 -12.08 16.77 -1.26
C GLY B 50 -11.00 17.86 -1.18
N PHE B 51 -9.71 17.52 -1.29
CA PHE B 51 -8.63 18.49 -1.37
C PHE B 51 -8.79 19.18 -2.74
N CYS B 52 -8.67 20.50 -3.00
CA CYS B 52 -8.86 21.01 -4.36
C CYS B 52 -7.64 21.75 -4.87
N SER B 53 -7.36 21.86 -6.18
CA SER B 53 -6.22 22.66 -6.64
C SER B 53 -6.47 24.16 -6.59
N GLY B 54 -7.72 24.60 -6.49
CA GLY B 54 -7.99 26.03 -6.44
C GLY B 54 -7.74 26.66 -5.07
N THR B 55 -7.82 25.84 -4.03
CA THR B 55 -7.76 26.28 -2.66
C THR B 55 -6.43 26.21 -1.89
N GLY B 56 -5.44 25.55 -2.53
CA GLY B 56 -4.10 25.35 -1.96
C GLY B 56 -3.91 24.11 -1.08
N ASP B 57 -4.94 23.46 -0.60
CA ASP B 57 -4.77 22.29 0.23
C ASP B 57 -4.37 21.00 -0.51
N MET B 58 -4.63 20.89 -1.83
CA MET B 58 -4.14 19.75 -2.62
C MET B 58 -2.60 19.82 -2.75
N LEU B 59 -2.07 21.01 -2.97
CA LEU B 59 -0.66 21.30 -3.04
C LEU B 59 -0.06 21.05 -1.67
N GLU B 60 -0.65 21.50 -0.56
CA GLU B 60 -0.20 21.10 0.76
C GLU B 60 -0.14 19.58 0.85
N LEU B 61 -1.22 18.87 0.47
CA LEU B 61 -1.27 17.40 0.53
C LEU B 61 -0.09 16.71 -0.15
N VAL B 62 0.19 17.07 -1.41
CA VAL B 62 1.22 16.32 -2.08
C VAL B 62 2.57 16.91 -1.73
N GLN B 63 2.74 18.12 -1.14
CA GLN B 63 4.03 18.50 -0.58
C GLN B 63 4.29 17.61 0.62
N HIS B 64 3.25 17.37 1.43
CA HIS B 64 3.35 16.46 2.58
C HIS B 64 3.61 15.00 2.15
N TYR B 65 3.06 14.49 1.03
CA TYR B 65 3.29 13.16 0.52
C TYR B 65 4.72 13.14 0.02
N THR B 66 5.24 14.16 -0.65
CA THR B 66 6.64 14.22 -1.04
C THR B 66 7.60 14.28 0.17
N ASP B 67 7.20 14.81 1.34
CA ASP B 67 8.08 14.74 2.49
C ASP B 67 8.13 13.33 2.97
N LEU B 68 7.02 12.62 2.97
CA LEU B 68 7.00 11.23 3.39
C LEU B 68 7.78 10.29 2.44
N GLU B 69 7.54 10.50 1.16
CA GLU B 69 8.03 9.62 0.10
C GLU B 69 8.55 10.47 -1.03
N PRO B 70 9.83 10.85 -1.05
CA PRO B 70 10.39 11.82 -2.00
C PRO B 70 10.27 11.53 -3.49
N GLY B 71 10.13 10.29 -3.91
CA GLY B 71 10.14 9.97 -5.35
C GLY B 71 8.84 9.38 -5.86
N ASN B 72 7.77 9.76 -5.16
CA ASN B 72 6.45 9.37 -5.51
C ASN B 72 6.05 9.91 -6.89
N ILE B 73 5.05 9.31 -7.53
CA ILE B 73 4.59 9.71 -8.85
C ILE B 73 3.93 11.11 -8.92
N LEU B 74 3.52 11.76 -7.84
CA LEU B 74 2.87 13.09 -7.91
C LEU B 74 3.85 14.24 -7.75
N ALA B 75 5.10 14.03 -7.28
CA ALA B 75 6.04 15.11 -7.04
C ALA B 75 6.47 15.97 -8.20
N LYS B 76 6.38 15.43 -9.40
CA LYS B 76 6.66 16.24 -10.60
C LYS B 76 5.54 17.25 -10.84
N TYR B 77 4.35 17.06 -10.26
CA TYR B 77 3.24 17.99 -10.45
C TYR B 77 3.23 19.23 -9.55
N LEU B 78 4.13 19.27 -8.57
CA LEU B 78 4.18 20.41 -7.65
C LEU B 78 4.45 21.75 -8.30
N PRO B 79 5.27 22.01 -9.35
CA PRO B 79 5.32 23.31 -10.02
C PRO B 79 3.98 23.76 -10.58
N ALA B 80 3.29 22.86 -11.30
CA ALA B 80 1.97 23.19 -11.86
C ALA B 80 0.98 23.33 -10.72
N LEU B 81 0.85 22.43 -9.74
CA LEU B 81 -0.01 22.63 -8.57
C LEU B 81 0.18 24.01 -7.95
N LYS B 82 1.44 24.37 -7.71
CA LYS B 82 1.83 25.66 -7.18
C LYS B 82 1.34 26.78 -8.08
N LYS B 83 1.58 26.83 -9.38
CA LYS B 83 1.15 28.00 -10.10
C LYS B 83 -0.29 27.98 -10.53
N VAL B 84 -0.94 26.83 -10.51
CA VAL B 84 -2.35 26.74 -10.87
C VAL B 84 -3.21 27.20 -9.70
N ASN B 85 -2.63 27.29 -8.50
CA ASN B 85 -3.33 27.61 -7.26
C ASN B 85 -4.11 28.93 -7.27
N GLY B 86 -5.25 28.99 -6.58
CA GLY B 86 -6.06 30.20 -6.62
C GLY B 86 -6.76 30.33 -7.95
N SER B 87 -6.86 29.30 -8.79
CA SER B 87 -7.62 29.43 -10.02
C SER B 87 -8.26 28.07 -10.29
N ALA B 88 -9.15 27.95 -11.26
CA ALA B 88 -9.64 26.64 -11.62
C ALA B 88 -8.91 26.07 -12.81
N SER B 89 -7.70 26.55 -13.07
CA SER B 89 -6.92 26.14 -14.21
C SER B 89 -6.46 24.69 -14.18
N HIS B 90 -6.29 24.10 -15.35
CA HIS B 90 -5.79 22.74 -15.43
C HIS B 90 -4.39 22.69 -16.07
N SER B 91 -3.73 23.80 -16.34
CA SER B 91 -2.37 23.82 -16.89
C SER B 91 -1.28 23.00 -16.18
N GLY B 92 -0.67 22.09 -16.91
CA GLY B 92 0.40 21.30 -16.38
C GLY B 92 -0.16 20.06 -15.71
N LEU B 93 -1.48 19.94 -15.63
CA LEU B 93 -2.13 18.82 -15.04
C LEU B 93 -2.79 17.94 -16.09
N GLY B 94 -4.08 18.05 -16.37
CA GLY B 94 -4.72 17.21 -17.36
C GLY B 94 -4.86 15.72 -17.01
N THR B 95 -5.20 14.99 -18.06
CA THR B 95 -5.30 13.55 -18.01
C THR B 95 -4.13 12.80 -17.33
N PRO B 96 -2.82 13.09 -17.53
CA PRO B 96 -1.75 12.44 -16.77
C PRO B 96 -1.84 12.64 -15.25
N PHE B 97 -2.25 13.82 -14.74
CA PHE B 97 -2.40 14.08 -13.32
C PHE B 97 -3.45 13.15 -12.76
N THR B 98 -4.64 13.14 -13.34
CA THR B 98 -5.74 12.36 -12.76
C THR B 98 -5.46 10.86 -12.82
N LYS B 99 -4.86 10.38 -13.93
CA LYS B 99 -4.48 9.00 -14.10
C LYS B 99 -3.46 8.66 -13.02
N ASP B 100 -2.50 9.57 -12.84
CA ASP B 100 -1.51 9.38 -11.80
C ASP B 100 -2.05 9.46 -10.38
N TRP B 101 -3.06 10.31 -10.15
CA TRP B 101 -3.63 10.43 -8.83
C TRP B 101 -4.21 9.07 -8.48
N ALA B 102 -4.80 8.43 -9.49
CA ALA B 102 -5.39 7.15 -9.19
C ALA B 102 -4.35 6.08 -8.90
N THR B 103 -3.13 6.05 -9.48
CA THR B 103 -2.23 4.95 -9.12
C THR B 103 -1.58 5.36 -7.81
N ALA B 104 -1.19 6.61 -7.52
CA ALA B 104 -0.71 6.95 -6.16
C ALA B 104 -1.65 6.49 -5.06
N ALA B 105 -2.95 6.51 -5.28
CA ALA B 105 -3.95 6.07 -4.32
C ALA B 105 -3.83 4.62 -3.99
N LYS B 106 -3.09 3.83 -4.76
CA LYS B 106 -2.87 2.42 -4.46
C LYS B 106 -1.75 2.28 -3.42
N ASP B 107 -0.92 3.26 -3.43
CA ASP B 107 0.22 3.30 -2.61
C ASP B 107 -0.18 3.80 -1.19
N THR B 108 -0.04 2.90 -0.19
CA THR B 108 -0.23 3.14 1.26
C THR B 108 0.20 4.49 1.91
N VAL B 109 1.32 5.12 1.52
CA VAL B 109 1.77 6.36 2.10
C VAL B 109 0.91 7.50 1.54
N PHE B 110 0.31 7.42 0.33
CA PHE B 110 -0.57 8.48 -0.15
C PHE B 110 -1.81 8.46 0.75
N GLN B 111 -2.32 7.26 1.03
CA GLN B 111 -3.44 7.10 1.90
C GLN B 111 -3.11 7.67 3.26
N GLN B 112 -1.91 7.44 3.81
CA GLN B 112 -1.45 8.05 5.06
C GLN B 112 -1.43 9.58 4.95
N ALA B 113 -0.85 10.09 3.88
CA ALA B 113 -0.64 11.50 3.68
C ALA B 113 -1.97 12.20 3.72
N GLN B 114 -2.96 11.59 3.07
CA GLN B 114 -4.33 12.07 3.03
C GLN B 114 -4.98 12.04 4.41
N ASN B 115 -4.86 10.87 5.12
CA ASN B 115 -5.36 10.70 6.50
C ASN B 115 -4.79 11.69 7.47
N ASP B 116 -3.54 12.04 7.27
CA ASP B 116 -2.88 13.04 8.06
C ASP B 116 -3.48 14.41 7.83
N GLU B 117 -3.81 14.79 6.62
CA GLU B 117 -4.33 16.11 6.34
C GLU B 117 -5.75 16.24 6.88
N ARG B 118 -6.49 15.13 6.86
CA ARG B 118 -7.84 15.11 7.35
C ARG B 118 -7.86 15.31 8.85
N ASP B 119 -6.96 14.59 9.54
CA ASP B 119 -6.89 14.60 10.97
C ASP B 119 -6.39 15.90 11.56
N ARG B 120 -5.43 16.46 10.87
CA ARG B 120 -4.88 17.74 11.23
C ARG B 120 -5.86 18.90 10.97
N VAL B 121 -6.45 19.18 9.79
CA VAL B 121 -7.33 20.34 9.69
C VAL B 121 -8.79 20.11 10.09
N TYR B 122 -9.23 18.89 10.31
CA TYR B 122 -10.63 18.61 10.51
C TYR B 122 -10.98 17.74 11.68
N PHE B 123 -10.48 16.48 11.68
CA PHE B 123 -10.92 15.53 12.69
C PHE B 123 -10.49 15.91 14.09
N ASP B 124 -9.21 16.21 14.27
CA ASP B 124 -8.72 16.53 15.58
C ASP B 124 -9.16 17.91 16.07
N PRO B 125 -9.28 19.01 15.27
CA PRO B 125 -9.74 20.31 15.78
C PRO B 125 -11.14 20.15 16.30
N ALA B 126 -11.99 19.51 15.49
CA ALA B 126 -13.38 19.34 15.90
C ALA B 126 -13.51 18.43 17.08
N VAL B 127 -12.75 17.36 17.19
CA VAL B 127 -12.99 16.46 18.30
C VAL B 127 -12.46 17.02 19.59
N SER B 128 -11.40 17.80 19.53
CA SER B 128 -10.84 18.32 20.75
C SER B 128 -11.77 19.46 21.18
N GLN B 129 -12.23 20.36 20.30
CA GLN B 129 -13.23 21.35 20.66
C GLN B 129 -14.43 20.71 21.33
N ALA B 130 -15.04 19.67 20.76
CA ALA B 130 -16.18 19.05 21.39
C ALA B 130 -15.83 18.45 22.74
N LYS B 131 -14.59 17.97 22.91
CA LYS B 131 -14.15 17.44 24.19
C LYS B 131 -14.13 18.59 25.17
N ALA B 132 -13.49 19.70 24.79
CA ALA B 132 -13.48 20.93 25.58
C ALA B 132 -14.89 21.40 25.97
N ASP B 133 -15.88 21.26 25.09
CA ASP B 133 -17.22 21.68 25.40
C ASP B 133 -17.99 20.66 26.24
N GLY B 134 -17.48 19.52 26.70
CA GLY B 134 -18.23 18.61 27.55
C GLY B 134 -19.03 17.60 26.79
N LEU B 135 -18.64 17.34 25.54
CA LEU B 135 -19.43 16.46 24.69
C LEU B 135 -18.97 15.05 24.60
N ARG B 136 -19.94 14.18 24.67
CA ARG B 136 -19.75 12.79 24.35
C ARG B 136 -19.64 12.52 22.83
N ALA B 137 -19.67 11.23 22.42
CA ALA B 137 -19.38 10.85 21.02
C ALA B 137 -20.36 11.38 19.98
N LEU B 138 -21.71 11.41 20.20
CA LEU B 138 -22.59 11.94 19.19
C LEU B 138 -22.21 13.40 18.92
N GLY B 139 -21.84 14.17 19.95
CA GLY B 139 -21.47 15.57 19.83
C GLY B 139 -20.18 15.75 19.06
N GLN B 140 -19.20 14.85 19.21
CA GLN B 140 -17.93 14.90 18.47
C GLN B 140 -18.18 14.63 16.99
N PHE B 141 -19.08 13.68 16.68
CA PHE B 141 -19.50 13.43 15.32
C PHE B 141 -20.17 14.68 14.74
N ALA B 142 -21.13 15.30 15.43
CA ALA B 142 -21.83 16.45 14.88
C ALA B 142 -20.88 17.58 14.57
N TYR B 143 -19.87 17.85 15.43
CA TYR B 143 -18.84 18.84 15.11
C TYR B 143 -17.99 18.44 13.89
N TYR B 144 -17.63 17.14 13.76
CA TYR B 144 -16.83 16.67 12.66
C TYR B 144 -17.59 16.79 11.33
N ASP B 145 -18.83 16.34 11.27
CA ASP B 145 -19.65 16.44 10.07
C ASP B 145 -19.72 17.89 9.61
N ALA B 146 -19.98 18.76 10.58
CA ALA B 146 -20.05 20.19 10.39
C ALA B 146 -18.76 20.78 9.88
N ILE B 147 -17.58 20.40 10.39
CA ILE B 147 -16.35 21.06 9.95
C ILE B 147 -15.99 20.49 8.59
N VAL B 148 -16.33 19.25 8.25
CA VAL B 148 -16.03 18.66 6.93
C VAL B 148 -16.83 19.40 5.87
N MET B 149 -18.12 19.69 6.09
CA MET B 149 -18.84 20.47 5.15
C MET B 149 -18.66 21.96 5.25
N HIS B 150 -18.43 22.52 6.43
CA HIS B 150 -18.44 23.99 6.50
C HIS B 150 -17.08 24.59 6.63
N GLY B 151 -16.08 23.79 7.01
CA GLY B 151 -14.73 24.28 7.10
C GLY B 151 -14.41 24.95 8.44
N PRO B 152 -13.11 25.00 8.80
CA PRO B 152 -12.58 25.71 9.95
C PRO B 152 -12.77 27.19 9.82
N GLY B 153 -12.80 27.88 10.94
CA GLY B 153 -12.92 29.32 10.88
C GLY B 153 -14.15 29.81 11.60
N ASN B 154 -14.13 31.11 11.81
CA ASN B 154 -15.18 31.75 12.56
C ASN B 154 -16.01 32.63 11.67
N ASP B 155 -16.26 32.16 10.47
CA ASP B 155 -17.18 32.88 9.59
C ASP B 155 -18.51 32.40 10.15
N PRO B 156 -19.57 33.21 10.21
CA PRO B 156 -20.87 32.77 10.69
C PRO B 156 -21.33 31.39 10.20
N THR B 157 -20.94 31.06 8.96
CA THR B 157 -21.24 29.75 8.36
C THR B 157 -20.21 28.62 8.40
N SER B 158 -19.02 28.94 8.86
CA SER B 158 -17.97 27.97 9.10
C SER B 158 -18.28 27.27 10.43
N PHE B 159 -17.56 26.20 10.75
CA PHE B 159 -17.77 25.49 11.98
C PHE B 159 -17.71 26.43 13.21
N GLY B 160 -16.78 27.39 13.26
CA GLY B 160 -16.59 28.19 14.45
C GLY B 160 -17.73 29.17 14.65
N GLY B 161 -18.35 29.51 13.53
CA GLY B 161 -19.48 30.41 13.50
C GLY B 161 -20.70 29.64 13.93
N ILE B 162 -20.85 28.38 13.52
CA ILE B 162 -22.00 27.57 13.87
C ILE B 162 -21.92 27.30 15.36
N ARG B 163 -20.74 27.00 15.90
CA ARG B 163 -20.58 26.87 17.36
C ARG B 163 -21.01 28.16 18.16
N LYS B 164 -20.52 29.35 17.74
CA LYS B 164 -20.89 30.61 18.32
C LYS B 164 -22.41 30.77 18.36
N THR B 165 -23.06 30.37 17.24
CA THR B 165 -24.49 30.46 17.15
C THR B 165 -25.18 29.56 18.14
N ALA B 166 -24.71 28.32 18.22
CA ALA B 166 -25.35 27.37 19.12
C ALA B 166 -25.13 27.78 20.56
N MET B 167 -24.02 28.45 20.90
CA MET B 167 -23.72 28.79 22.28
C MET B 167 -24.46 30.05 22.72
N LYS B 168 -24.85 30.93 21.80
CA LYS B 168 -25.76 32.03 22.09
C LYS B 168 -27.13 31.51 22.53
N LYS B 169 -27.57 30.46 21.84
CA LYS B 169 -28.82 29.77 22.13
C LYS B 169 -28.79 28.87 23.37
N ALA B 170 -27.71 28.10 23.60
CA ALA B 170 -27.69 27.25 24.75
C ALA B 170 -26.27 27.10 25.26
N ARG B 171 -26.18 26.59 26.46
CA ARG B 171 -24.92 26.48 27.15
C ARG B 171 -24.33 25.09 26.90
N THR B 172 -23.02 25.06 26.72
CA THR B 172 -22.24 23.85 26.51
C THR B 172 -22.38 22.91 27.71
N PRO B 173 -22.29 21.56 27.72
CA PRO B 173 -22.15 20.77 28.95
C PRO B 173 -21.01 21.29 29.84
N ALA B 174 -19.83 21.67 29.32
CA ALA B 174 -18.77 22.22 30.18
C ALA B 174 -19.18 23.56 30.83
N GLN B 175 -20.19 24.26 30.31
CA GLN B 175 -20.66 25.51 30.88
C GLN B 175 -21.78 25.28 31.89
N GLY B 176 -22.34 24.08 32.01
CA GLY B 176 -23.39 23.82 32.97
C GLY B 176 -24.67 23.38 32.29
N GLY B 177 -24.68 23.47 30.96
CA GLY B 177 -25.85 23.12 30.25
C GLY B 177 -26.04 21.61 30.18
N ASP B 178 -27.25 21.37 29.74
CA ASP B 178 -27.72 20.04 29.50
C ASP B 178 -27.40 19.75 28.02
N GLU B 179 -26.74 18.61 27.85
CA GLU B 179 -26.27 18.14 26.56
C GLU B 179 -27.37 17.93 25.52
N THR B 180 -28.54 17.29 25.72
CA THR B 180 -29.42 17.15 24.57
C THR B 180 -29.96 18.52 24.18
N THR B 181 -30.10 19.43 25.16
CA THR B 181 -30.48 20.77 24.86
C THR B 181 -29.45 21.45 23.98
N TYR B 182 -28.17 21.29 24.36
CA TYR B 182 -27.13 21.96 23.62
C TYR B 182 -27.03 21.37 22.21
N LEU B 183 -26.99 20.06 22.03
CA LEU B 183 -26.88 19.48 20.70
C LEU B 183 -28.06 19.80 19.82
N ASN B 184 -29.26 19.93 20.43
CA ASN B 184 -30.43 20.28 19.63
C ASN B 184 -30.28 21.65 18.98
N GLY B 185 -29.74 22.58 19.78
CA GLY B 185 -29.48 23.91 19.30
C GLY B 185 -28.32 23.89 18.31
N PHE B 186 -27.29 23.06 18.55
CA PHE B 186 -26.16 22.92 17.61
C PHE B 186 -26.65 22.46 16.22
N LEU B 187 -27.36 21.35 16.19
CA LEU B 187 -28.00 20.86 14.99
C LEU B 187 -28.94 21.89 14.33
N ASP B 188 -29.69 22.70 15.09
CA ASP B 188 -30.54 23.74 14.54
C ASP B 188 -29.67 24.81 13.94
N ALA B 189 -28.51 25.10 14.52
CA ALA B 189 -27.66 26.16 13.96
C ALA B 189 -27.07 25.66 12.67
N ARG B 190 -26.69 24.39 12.67
CA ARG B 190 -26.06 23.80 11.52
C ARG B 190 -27.00 23.72 10.34
N LYS B 191 -28.25 23.40 10.62
CA LYS B 191 -29.25 23.24 9.59
C LYS B 191 -29.47 24.61 8.98
N ALA B 192 -29.68 25.66 9.78
CA ALA B 192 -29.79 27.04 9.28
C ALA B 192 -28.60 27.46 8.38
N ALA B 193 -27.41 26.95 8.77
CA ALA B 193 -26.23 27.34 8.05
C ALA B 193 -26.19 26.61 6.73
N MET B 194 -26.67 25.35 6.65
CA MET B 194 -26.67 24.62 5.39
C MET B 194 -27.57 25.36 4.43
N LEU B 195 -28.72 25.82 4.92
CA LEU B 195 -29.66 26.60 4.14
C LEU B 195 -29.16 27.96 3.66
N THR B 196 -28.06 28.56 4.13
CA THR B 196 -27.63 29.84 3.58
C THR B 196 -26.69 29.61 2.40
N GLU B 197 -26.50 28.37 1.94
CA GLU B 197 -25.74 28.11 0.74
C GLU B 197 -26.66 27.37 -0.19
N ALA B 198 -26.57 27.69 -1.49
CA ALA B 198 -27.51 27.14 -2.47
C ALA B 198 -27.37 25.65 -2.77
N ALA B 199 -26.13 25.19 -2.92
CA ALA B 199 -25.87 23.77 -3.10
C ALA B 199 -26.14 22.91 -1.86
N HIS B 200 -26.57 23.38 -0.67
CA HIS B 200 -26.68 22.47 0.48
C HIS B 200 -28.10 22.25 1.01
N ASP B 201 -29.03 22.45 0.09
CA ASP B 201 -30.45 22.34 0.32
C ASP B 201 -31.03 21.14 1.07
N ASP B 202 -30.47 19.94 0.88
CA ASP B 202 -31.00 18.77 1.58
C ASP B 202 -30.35 18.68 2.97
N THR B 203 -31.10 18.42 4.05
CA THR B 203 -30.49 18.40 5.37
C THR B 203 -30.75 17.10 6.10
N SER B 204 -30.90 16.01 5.33
CA SER B 204 -31.18 14.70 5.91
C SER B 204 -30.07 14.20 6.86
N ARG B 205 -28.80 14.60 6.59
CA ARG B 205 -27.66 14.19 7.44
C ARG B 205 -27.95 14.68 8.84
N VAL B 206 -28.67 15.80 9.00
CA VAL B 206 -29.16 16.19 10.31
C VAL B 206 -30.52 15.53 10.57
N ASP B 207 -31.51 15.68 9.70
CA ASP B 207 -32.89 15.29 9.98
C ASP B 207 -33.14 13.82 10.05
N THR B 208 -32.67 13.01 9.09
CA THR B 208 -32.94 11.60 9.16
C THR B 208 -31.78 10.77 9.64
N GLU B 209 -30.76 11.43 10.22
CA GLU B 209 -29.61 10.78 10.83
C GLU B 209 -29.22 11.31 12.24
N GLN B 210 -28.53 12.47 12.32
CA GLN B 210 -28.04 13.02 13.58
C GLN B 210 -29.12 13.37 14.59
N ARG B 211 -30.22 14.04 14.15
CA ARG B 211 -31.33 14.35 15.03
C ARG B 211 -31.91 13.01 15.45
N VAL B 212 -31.90 11.99 14.56
CA VAL B 212 -32.49 10.70 14.88
C VAL B 212 -31.69 10.04 15.99
N PHE B 213 -30.34 10.12 15.97
CA PHE B 213 -29.51 9.49 16.99
C PHE B 213 -29.77 10.17 18.35
N LEU B 214 -29.85 11.50 18.28
CA LEU B 214 -30.14 12.37 19.40
C LEU B 214 -31.49 12.03 20.04
N LYS B 215 -32.59 12.02 19.28
CA LYS B 215 -33.89 11.86 19.88
C LYS B 215 -34.05 10.51 20.51
N ALA B 216 -33.25 9.56 20.02
CA ALA B 216 -33.29 8.24 20.56
C ALA B 216 -32.54 8.16 21.86
N GLY B 217 -31.67 9.12 22.15
CA GLY B 217 -30.90 9.14 23.36
C GLY B 217 -29.57 8.43 23.16
N ASN B 218 -29.00 8.30 21.95
CA ASN B 218 -27.77 7.55 21.81
C ASN B 218 -26.63 8.52 21.73
N LEU B 219 -26.47 9.09 22.91
CA LEU B 219 -25.46 10.10 23.18
C LEU B 219 -24.05 9.60 23.04
N ASP B 220 -23.83 8.28 23.05
CA ASP B 220 -22.48 7.76 22.88
C ASP B 220 -22.16 7.13 21.56
N LEU B 221 -23.10 7.07 20.63
CA LEU B 221 -22.89 6.59 19.27
C LEU B 221 -22.44 5.14 19.33
N ASN B 222 -23.40 4.44 19.92
CA ASN B 222 -23.31 3.02 20.18
C ASN B 222 -24.17 2.26 19.20
N PRO B 223 -23.56 1.28 18.50
CA PRO B 223 -24.27 0.41 17.55
C PRO B 223 -25.44 -0.38 18.15
N PRO B 224 -26.56 -0.72 17.48
CA PRO B 224 -26.75 -0.46 16.05
C PRO B 224 -27.15 0.95 15.66
N LEU B 225 -26.67 1.45 14.52
CA LEU B 225 -27.05 2.79 14.09
C LEU B 225 -27.84 2.59 12.79
N LYS B 226 -29.06 3.13 12.78
CA LYS B 226 -29.97 2.99 11.66
C LYS B 226 -30.44 4.38 11.29
N TRP B 227 -30.17 4.82 10.07
CA TRP B 227 -30.49 6.17 9.68
C TRP B 227 -30.80 6.13 8.20
N LYS B 228 -31.20 7.24 7.62
CA LYS B 228 -31.49 7.39 6.22
C LYS B 228 -30.73 8.65 5.78
N THR B 229 -30.04 8.75 4.63
CA THR B 229 -29.63 10.03 4.06
C THR B 229 -30.24 10.06 2.61
N TYR B 230 -30.74 11.21 2.11
CA TYR B 230 -31.43 11.36 0.82
C TYR B 230 -32.52 10.30 0.55
N GLY B 231 -33.07 9.63 1.58
CA GLY B 231 -34.07 8.59 1.49
C GLY B 231 -33.42 7.22 1.61
N ASP B 232 -32.09 7.09 1.45
CA ASP B 232 -31.53 5.73 1.42
C ASP B 232 -31.27 5.23 2.82
N PRO B 233 -31.62 3.99 3.15
CA PRO B 233 -31.33 3.35 4.45
C PRO B 233 -29.94 2.85 4.71
N TYR B 234 -29.30 3.05 5.87
CA TYR B 234 -27.95 2.51 6.13
C TYR B 234 -27.98 1.92 7.52
N VAL B 235 -27.24 0.89 7.83
CA VAL B 235 -27.33 0.21 9.11
C VAL B 235 -25.91 -0.25 9.47
N ILE B 236 -25.49 0.07 10.70
CA ILE B 236 -24.20 -0.41 11.18
C ILE B 236 -24.61 -1.20 12.40
N ASN B 237 -24.33 -2.49 12.49
CA ASN B 237 -24.83 -3.22 13.64
C ASN B 237 -23.91 -3.41 14.79
N SER B 238 -22.62 -3.11 14.59
CA SER B 238 -21.61 -3.34 15.59
C SER B 238 -20.35 -2.58 15.17
#